data_1YPY
#
_entry.id   1YPY
#
_cell.length_a   108.746
_cell.length_b   56.627
_cell.length_c   72.557
_cell.angle_alpha   90.00
_cell.angle_beta   129.31
_cell.angle_gamma   90.00
#
_symmetry.space_group_name_H-M   'C 1 2 1'
#
loop_
_entity.id
_entity.type
_entity.pdbx_description
1 polymer 'Virion membrane protein'
2 water water
#
_entity_poly.entity_id   1
_entity_poly.type   'polypeptide(L)'
_entity_poly.pdbx_seq_one_letter_code
;GAAASIQTTVNTLSERISSKLEQEANASAQTKCDIEIGNFYIRQNHGCNLTVKNMCSADADAQLDAVLSAATETYSGLTP
EQKAYVPAMFTAALNIQTSVNTVVRDFENYVKQTCNSSAVVDNKLKIQNVIIDECYGAPGSPTNLEFINTGSSKGNCAIK
ALMQLTTKATTQIAPKQVAGTGVQ
;
_entity_poly.pdbx_strand_id   A,B
#
# COMPACT_ATOMS: atom_id res chain seq x y z
N ALA A 3 -9.64 4.26 9.70
CA ALA A 3 -9.76 3.03 10.45
C ALA A 3 -10.82 2.14 9.84
N ALA A 4 -11.36 1.23 10.66
CA ALA A 4 -12.41 0.27 10.27
C ALA A 4 -13.74 0.92 9.87
N SER A 5 -14.10 2.05 10.52
CA SER A 5 -15.30 2.78 10.11
C SER A 5 -15.06 3.42 8.74
N ILE A 6 -13.88 3.98 8.63
CA ILE A 6 -13.48 4.61 7.35
C ILE A 6 -13.46 3.63 6.19
N GLN A 7 -12.85 2.46 6.41
CA GLN A 7 -12.77 1.46 5.36
C GLN A 7 -14.15 1.03 4.87
N THR A 8 -15.06 0.78 5.80
CA THR A 8 -16.39 0.36 5.43
C THR A 8 -17.08 1.45 4.61
N THR A 9 -16.93 2.70 5.06
CA THR A 9 -17.54 3.82 4.36
C THR A 9 -16.92 4.02 2.97
N VAL A 10 -15.60 3.86 2.88
CA VAL A 10 -14.95 4.04 1.59
C VAL A 10 -15.36 2.93 0.62
N ASN A 11 -15.58 1.73 1.15
CA ASN A 11 -16.01 0.63 0.29
C ASN A 11 -17.40 0.92 -0.24
N THR A 12 -18.27 1.44 0.62
CA THR A 12 -19.62 1.80 0.21
C THR A 12 -19.55 2.88 -0.85
N LEU A 13 -18.70 3.88 -0.62
CA LEU A 13 -18.56 4.97 -1.59
C LEU A 13 -18.09 4.45 -2.93
N SER A 14 -17.09 3.57 -2.86
CA SER A 14 -16.53 3.01 -4.06
C SER A 14 -17.54 2.21 -4.86
N GLU A 15 -18.40 1.42 -4.19
CA GLU A 15 -19.45 0.63 -4.80
C GLU A 15 -20.51 1.53 -5.42
N ARG A 16 -20.87 2.55 -4.68
CA ARG A 16 -21.87 3.49 -5.15
C ARG A 16 -21.42 4.32 -6.33
N ILE A 17 -20.17 4.72 -6.38
CA ILE A 17 -19.64 5.46 -7.52
C ILE A 17 -19.60 4.57 -8.75
N SER A 18 -19.10 3.36 -8.58
CA SER A 18 -19.01 2.41 -9.69
C SER A 18 -20.38 2.07 -10.26
N SER A 19 -21.31 1.70 -9.38
CA SER A 19 -22.66 1.35 -9.83
C SER A 19 -23.35 2.55 -10.47
N LYS A 20 -23.12 3.72 -9.91
CA LYS A 20 -23.72 4.95 -10.44
C LYS A 20 -23.20 5.24 -11.84
N LEU A 21 -21.88 5.10 -12.01
CA LEU A 21 -21.28 5.34 -13.31
C LEU A 21 -21.77 4.34 -14.35
N GLU A 22 -21.93 3.09 -13.93
CA GLU A 22 -22.38 2.03 -14.82
C GLU A 22 -23.87 2.09 -15.14
N GLN A 23 -24.67 2.57 -14.19
CA GLN A 23 -26.11 2.65 -14.40
C GLN A 23 -26.62 4.01 -14.85
N GLU A 24 -25.84 5.06 -14.63
CA GLU A 24 -26.27 6.41 -15.01
C GLU A 24 -25.28 7.19 -15.86
N ALA A 25 -24.10 6.61 -16.14
CA ALA A 25 -23.11 7.31 -16.96
C ALA A 25 -22.55 6.41 -18.07
N ASN A 26 -23.30 5.35 -18.38
CA ASN A 26 -22.93 4.46 -19.48
C ASN A 26 -21.47 4.04 -19.47
N ALA A 27 -20.95 3.70 -18.32
CA ALA A 27 -19.58 3.32 -18.26
C ALA A 27 -19.44 1.83 -18.06
N SER A 28 -18.21 1.34 -18.22
CA SER A 28 -17.89 -0.07 -18.06
C SER A 28 -16.39 -0.33 -17.93
N ALA A 29 -16.07 -1.44 -17.25
CA ALA A 29 -14.66 -1.76 -17.05
C ALA A 29 -13.92 -2.03 -18.34
N GLN A 30 -14.66 -2.33 -19.41
CA GLN A 30 -14.05 -2.63 -20.70
C GLN A 30 -13.97 -1.43 -21.63
N THR A 31 -14.67 -0.35 -21.26
CA THR A 31 -14.68 0.85 -22.09
C THR A 31 -13.31 1.54 -22.18
N LYS A 32 -12.95 1.98 -23.36
CA LYS A 32 -11.67 2.66 -23.56
C LYS A 32 -11.65 4.02 -22.94
N CYS A 33 -10.59 4.18 -22.19
CA CYS A 33 -10.44 5.45 -21.48
C CYS A 33 -9.73 6.52 -22.29
N ASP A 34 -10.20 7.76 -22.15
CA ASP A 34 -9.59 8.88 -22.84
C ASP A 34 -8.34 9.24 -22.05
N ILE A 35 -8.50 9.36 -20.74
CA ILE A 35 -7.39 9.68 -19.87
C ILE A 35 -7.07 8.47 -19.00
N GLU A 36 -5.78 8.17 -18.86
CA GLU A 36 -5.31 7.04 -18.05
C GLU A 36 -4.60 7.61 -16.83
N ILE A 37 -4.56 6.84 -15.75
CA ILE A 37 -3.89 7.28 -14.54
C ILE A 37 -2.42 6.85 -14.59
N GLY A 38 -1.52 7.80 -14.50
CA GLY A 38 -0.10 7.49 -14.52
C GLY A 38 0.28 6.95 -13.15
N ASN A 39 0.92 7.79 -12.35
CA ASN A 39 1.32 7.37 -11.01
C ASN A 39 0.26 7.78 -9.99
N PHE A 40 0.00 6.90 -9.04
CA PHE A 40 -0.96 7.16 -7.97
C PHE A 40 -0.25 6.78 -6.68
N TYR A 41 0.24 7.79 -5.95
CA TYR A 41 0.93 7.48 -4.71
C TYR A 41 0.80 8.54 -3.64
N ILE A 42 1.18 8.13 -2.43
CA ILE A 42 1.12 8.97 -1.26
C ILE A 42 2.55 9.19 -0.79
N ARG A 43 2.91 10.45 -0.57
CA ARG A 43 4.26 10.80 -0.12
C ARG A 43 4.63 10.15 1.20
N GLN A 44 3.77 10.31 2.20
CA GLN A 44 3.99 9.70 3.50
C GLN A 44 2.93 8.63 3.60
N ASN A 45 3.23 7.49 2.98
CA ASN A 45 2.29 6.37 2.97
C ASN A 45 2.58 5.45 4.13
N HIS A 46 1.75 5.53 5.17
CA HIS A 46 1.94 4.69 6.34
C HIS A 46 0.78 3.72 6.54
N GLY A 47 0.66 2.75 5.64
CA GLY A 47 -0.39 1.76 5.78
C GLY A 47 -1.52 1.82 4.77
N CYS A 48 -1.28 2.41 3.61
CA CYS A 48 -2.34 2.48 2.61
C CYS A 48 -1.99 1.74 1.35
N ASN A 49 -2.88 0.85 0.93
CA ASN A 49 -2.66 0.08 -0.28
C ASN A 49 -3.56 0.65 -1.37
N LEU A 50 -2.94 1.05 -2.48
CA LEU A 50 -3.63 1.71 -3.57
C LEU A 50 -3.80 0.90 -4.84
N THR A 51 -4.93 1.12 -5.49
CA THR A 51 -5.25 0.48 -6.76
C THR A 51 -6.01 1.48 -7.60
N VAL A 52 -6.08 1.20 -8.90
CA VAL A 52 -6.80 2.05 -9.83
C VAL A 52 -7.78 1.16 -10.57
N LYS A 53 -9.03 1.60 -10.67
CA LYS A 53 -10.05 0.85 -11.38
C LYS A 53 -10.61 1.71 -12.50
N ASN A 54 -10.43 1.26 -13.73
CA ASN A 54 -10.94 2.02 -14.87
C ASN A 54 -12.44 1.73 -15.02
N MET A 55 -13.22 2.81 -15.10
CA MET A 55 -14.68 2.70 -15.27
C MET A 55 -15.02 3.91 -16.13
N CYS A 56 -14.44 3.94 -17.32
CA CYS A 56 -14.60 5.05 -18.25
C CYS A 56 -15.86 5.09 -19.11
N SER A 57 -16.14 6.29 -19.61
CA SER A 57 -17.31 6.56 -20.45
C SER A 57 -17.02 7.82 -21.28
N ALA A 58 -17.95 8.18 -22.16
CA ALA A 58 -17.75 9.34 -23.03
C ALA A 58 -18.21 10.72 -22.53
N ASP A 59 -19.28 10.77 -21.74
CA ASP A 59 -19.79 12.04 -21.25
C ASP A 59 -19.29 12.43 -19.86
N ALA A 60 -18.39 13.41 -19.81
CA ALA A 60 -17.82 13.89 -18.56
C ALA A 60 -18.88 14.48 -17.64
N ASP A 61 -19.89 15.23 -18.14
CA ASP A 61 -20.91 15.83 -17.26
C ASP A 61 -21.73 14.75 -16.57
N ALA A 62 -22.02 13.67 -17.30
CA ALA A 62 -22.75 12.60 -16.65
C ALA A 62 -21.91 11.96 -15.55
N GLN A 63 -20.61 11.83 -15.81
CA GLN A 63 -19.69 11.24 -14.84
C GLN A 63 -19.69 12.04 -13.54
N LEU A 64 -19.54 13.35 -13.67
CA LEU A 64 -19.51 14.24 -12.52
C LEU A 64 -20.79 14.15 -11.72
N ASP A 65 -21.93 14.06 -12.40
CA ASP A 65 -23.20 13.96 -11.71
C ASP A 65 -23.30 12.63 -10.96
N ALA A 66 -22.74 11.59 -11.56
CA ALA A 66 -22.76 10.26 -10.96
C ALA A 66 -21.88 10.21 -9.71
N VAL A 67 -20.69 10.80 -9.81
CA VAL A 67 -19.77 10.82 -8.68
C VAL A 67 -20.35 11.65 -7.54
N LEU A 68 -20.85 12.82 -7.85
CA LEU A 68 -21.43 13.68 -6.81
C LEU A 68 -22.62 13.03 -6.14
N SER A 69 -23.52 12.45 -6.94
CA SER A 69 -24.69 11.77 -6.39
C SER A 69 -24.23 10.66 -5.45
N ALA A 70 -23.24 9.89 -5.88
CA ALA A 70 -22.74 8.79 -5.08
C ALA A 70 -22.21 9.29 -3.75
N ALA A 71 -21.44 10.38 -3.78
CA ALA A 71 -20.87 10.94 -2.56
C ALA A 71 -21.97 11.44 -1.61
N THR A 72 -22.96 12.13 -2.18
CA THR A 72 -24.09 12.68 -1.42
C THR A 72 -24.82 11.56 -0.69
N GLU A 73 -25.20 10.52 -1.43
CA GLU A 73 -25.90 9.37 -0.87
C GLU A 73 -25.12 8.73 0.26
N THR A 74 -23.84 8.52 0.04
CA THR A 74 -22.99 7.89 1.05
C THR A 74 -22.90 8.74 2.32
N TYR A 75 -22.69 10.04 2.15
CA TYR A 75 -22.59 10.92 3.32
C TYR A 75 -23.90 10.90 4.11
N SER A 76 -25.00 11.10 3.40
CA SER A 76 -26.31 11.12 4.03
C SER A 76 -26.61 9.83 4.80
N GLY A 77 -26.05 8.72 4.34
CA GLY A 77 -26.28 7.44 4.99
C GLY A 77 -25.47 7.21 6.24
N LEU A 78 -24.52 8.10 6.53
CA LEU A 78 -23.70 7.97 7.72
C LEU A 78 -24.48 8.35 8.97
N THR A 79 -24.03 7.87 10.12
CA THR A 79 -24.68 8.21 11.38
C THR A 79 -24.18 9.58 11.79
N PRO A 80 -24.91 10.29 12.66
CA PRO A 80 -24.46 11.62 13.07
C PRO A 80 -23.03 11.59 13.62
N GLU A 81 -22.68 10.55 14.38
CA GLU A 81 -21.36 10.41 14.95
C GLU A 81 -20.31 10.37 13.84
N GLN A 82 -20.57 9.58 12.81
CA GLN A 82 -19.65 9.48 11.68
C GLN A 82 -19.56 10.81 10.94
N LYS A 83 -20.70 11.46 10.74
CA LYS A 83 -20.70 12.74 10.03
C LYS A 83 -19.88 13.79 10.75
N ALA A 84 -19.84 13.71 12.08
CA ALA A 84 -19.12 14.68 12.90
C ALA A 84 -17.64 14.78 12.58
N TYR A 85 -17.07 13.72 12.01
CA TYR A 85 -15.65 13.65 11.64
C TYR A 85 -15.38 14.28 10.28
N VAL A 86 -16.42 14.48 9.46
CA VAL A 86 -16.23 15.01 8.11
C VAL A 86 -15.80 16.47 8.03
N PRO A 87 -16.36 17.40 8.83
CA PRO A 87 -15.92 18.79 8.67
C PRO A 87 -14.39 18.97 8.79
N ALA A 88 -13.76 18.24 9.70
CA ALA A 88 -12.30 18.33 9.87
C ALA A 88 -11.59 17.88 8.61
N MET A 89 -12.18 16.91 7.91
CA MET A 89 -11.60 16.40 6.67
C MET A 89 -11.62 17.51 5.62
N PHE A 90 -12.75 18.21 5.56
CA PHE A 90 -12.91 19.28 4.58
C PHE A 90 -11.96 20.45 4.76
N THR A 91 -11.72 20.85 6.00
CA THR A 91 -10.84 21.99 6.22
C THR A 91 -9.38 21.62 5.97
N ALA A 92 -8.97 20.44 6.43
CA ALA A 92 -7.58 20.02 6.26
C ALA A 92 -7.22 19.59 4.84
N ALA A 93 -8.16 18.98 4.13
CA ALA A 93 -7.88 18.51 2.78
C ALA A 93 -8.24 19.47 1.64
N LEU A 94 -9.36 20.18 1.77
CA LEU A 94 -9.79 21.07 0.70
C LEU A 94 -9.88 22.54 1.09
N ASN A 95 -9.52 22.86 2.32
CA ASN A 95 -9.60 24.22 2.82
C ASN A 95 -11.01 24.78 2.72
N ILE A 96 -11.99 23.94 3.07
CA ILE A 96 -13.40 24.31 3.06
C ILE A 96 -13.83 24.22 4.52
N GLN A 97 -14.44 25.27 5.03
CA GLN A 97 -14.91 25.28 6.42
C GLN A 97 -16.42 25.05 6.41
N THR A 98 -16.80 23.86 6.92
CA THR A 98 -18.20 23.43 6.91
C THR A 98 -18.63 22.77 8.23
N SER A 99 -19.90 22.47 8.33
CA SER A 99 -20.46 21.81 9.51
C SER A 99 -21.22 20.61 8.97
N VAL A 100 -21.63 19.70 9.84
CA VAL A 100 -22.34 18.51 9.35
C VAL A 100 -23.58 18.79 8.52
N ASN A 101 -24.27 19.86 8.83
CA ASN A 101 -25.50 20.17 8.10
C ASN A 101 -25.27 20.81 6.72
N THR A 102 -24.06 21.27 6.40
CA THR A 102 -23.81 21.90 5.10
C THR A 102 -22.75 21.19 4.25
N VAL A 103 -22.30 20.02 4.70
CA VAL A 103 -21.30 19.25 3.95
C VAL A 103 -21.72 19.00 2.50
N VAL A 104 -22.96 18.55 2.31
CA VAL A 104 -23.45 18.26 0.96
C VAL A 104 -23.42 19.48 0.05
N ARG A 105 -24.06 20.56 0.50
CA ARG A 105 -24.09 21.78 -0.30
C ARG A 105 -22.69 22.30 -0.58
N ASP A 106 -21.84 22.32 0.44
CA ASP A 106 -20.50 22.83 0.28
C ASP A 106 -19.63 21.98 -0.64
N PHE A 107 -19.84 20.66 -0.63
CA PHE A 107 -19.06 19.79 -1.51
C PHE A 107 -19.52 20.01 -2.95
N GLU A 108 -20.83 20.10 -3.15
CA GLU A 108 -21.38 20.31 -4.48
C GLU A 108 -20.81 21.60 -5.06
N ASN A 109 -20.75 22.71 -4.28
CA ASN A 109 -20.22 24.00 -4.75
C ASN A 109 -18.73 23.90 -5.04
N TYR A 110 -18.00 23.16 -4.21
CA TYR A 110 -16.56 23.04 -4.44
C TYR A 110 -16.30 22.34 -5.77
N VAL A 111 -17.04 21.26 -6.01
CA VAL A 111 -16.90 20.49 -7.23
C VAL A 111 -17.29 21.31 -8.46
N LYS A 112 -18.35 22.06 -8.31
CA LYS A 112 -18.80 22.82 -9.46
C LYS A 112 -17.85 24.00 -9.77
N GLN A 113 -17.22 24.58 -8.75
CA GLN A 113 -16.25 25.68 -8.92
C GLN A 113 -14.85 25.19 -9.29
N THR A 114 -14.52 23.96 -8.87
CA THR A 114 -13.20 23.41 -9.15
C THR A 114 -13.15 22.49 -10.36
N CYS A 115 -14.11 21.58 -10.53
CA CYS A 115 -14.12 20.62 -11.66
C CYS A 115 -14.77 21.15 -12.92
N ASN A 116 -15.39 22.32 -12.87
CA ASN A 116 -16.01 22.97 -14.03
C ASN A 116 -15.35 24.32 -14.08
N SER A 117 -14.10 24.16 -14.41
CA SER A 117 -13.09 25.16 -14.46
C SER A 117 -12.01 24.60 -15.33
N SER A 118 -11.84 25.33 -16.39
CA SER A 118 -10.97 25.13 -17.52
C SER A 118 -9.51 24.90 -17.09
N ALA A 119 -9.04 25.25 -15.90
CA ALA A 119 -7.70 24.75 -15.55
C ALA A 119 -7.83 23.22 -15.24
N VAL A 120 -8.95 22.65 -15.68
CA VAL A 120 -9.23 21.25 -15.49
C VAL A 120 -9.63 20.57 -16.76
N VAL A 121 -10.63 21.14 -17.39
CA VAL A 121 -11.13 20.37 -18.52
C VAL A 121 -10.31 20.47 -19.77
N ASP A 122 -9.46 21.46 -19.75
CA ASP A 122 -8.51 21.94 -20.81
C ASP A 122 -7.21 21.12 -20.82
N ASN A 123 -7.05 20.35 -19.77
CA ASN A 123 -5.98 19.42 -19.59
C ASN A 123 -6.05 18.42 -20.71
N LYS A 124 -5.17 18.57 -21.68
CA LYS A 124 -5.18 17.67 -22.81
C LYS A 124 -4.29 16.45 -22.51
N LEU A 125 -3.69 16.42 -21.32
CA LEU A 125 -2.81 15.33 -20.85
C LEU A 125 -3.58 14.00 -20.74
N LYS A 126 -3.21 12.95 -21.55
CA LYS A 126 -3.92 11.65 -21.50
C LYS A 126 -3.43 10.79 -20.36
N ILE A 127 -2.57 11.40 -19.58
CA ILE A 127 -2.06 10.68 -18.42
C ILE A 127 -1.92 11.58 -17.20
N GLN A 128 -2.77 11.36 -16.20
CA GLN A 128 -2.75 12.16 -14.99
C GLN A 128 -2.07 11.40 -13.86
N ASN A 129 -1.28 12.11 -13.06
CA ASN A 129 -0.63 11.52 -11.92
C ASN A 129 -1.38 12.03 -10.69
N VAL A 130 -1.69 11.13 -9.76
CA VAL A 130 -2.41 11.51 -8.55
C VAL A 130 -1.48 11.37 -7.35
N ILE A 131 -1.07 12.50 -6.79
CA ILE A 131 -0.16 12.49 -5.65
C ILE A 131 -0.77 13.13 -4.39
N ILE A 132 -0.84 12.33 -3.33
CA ILE A 132 -1.40 12.77 -2.05
C ILE A 132 -0.28 12.84 -1.01
N ASP A 133 -0.38 13.74 -0.05
CA ASP A 133 0.70 13.89 0.93
C ASP A 133 0.75 12.82 2.05
N GLU A 134 -0.38 12.44 2.67
CA GLU A 134 -0.32 11.43 3.75
C GLU A 134 -1.53 10.51 3.88
N CYS A 135 -1.27 9.32 4.40
CA CYS A 135 -2.32 8.33 4.57
C CYS A 135 -1.89 7.34 5.64
N TYR A 136 -2.87 6.81 6.38
CA TYR A 136 -2.57 5.88 7.46
C TYR A 136 -3.42 4.62 7.45
N GLY A 137 -2.81 3.53 7.90
CA GLY A 137 -3.50 2.26 8.02
C GLY A 137 -2.69 1.38 8.95
N ALA A 138 -3.36 0.54 9.73
CA ALA A 138 -2.66 -0.38 10.63
C ALA A 138 -2.01 -1.46 9.77
N PRO A 139 -0.78 -1.90 10.12
CA PRO A 139 -0.13 -2.92 9.30
C PRO A 139 -0.93 -4.19 9.08
N GLY A 140 -1.67 -4.62 10.11
CA GLY A 140 -2.47 -5.83 10.00
C GLY A 140 -3.77 -5.65 9.25
N SER A 141 -4.18 -4.40 9.07
CA SER A 141 -5.41 -4.10 8.35
C SER A 141 -5.21 -2.79 7.60
N PRO A 142 -4.31 -2.80 6.60
CA PRO A 142 -4.03 -1.59 5.82
C PRO A 142 -5.27 -1.01 5.16
N THR A 143 -5.27 0.30 4.99
CA THR A 143 -6.39 0.97 4.35
C THR A 143 -6.33 0.70 2.86
N ASN A 144 -7.40 0.15 2.32
CA ASN A 144 -7.46 -0.15 0.89
C ASN A 144 -8.20 0.97 0.18
N LEU A 145 -7.49 1.69 -0.68
CA LEU A 145 -8.07 2.79 -1.42
C LEU A 145 -8.00 2.57 -2.92
N GLU A 146 -9.13 2.70 -3.58
CA GLU A 146 -9.21 2.50 -5.01
C GLU A 146 -9.59 3.80 -5.70
N PHE A 147 -8.76 4.24 -6.65
CA PHE A 147 -9.04 5.45 -7.41
C PHE A 147 -9.83 5.01 -8.63
N ILE A 148 -11.09 5.42 -8.72
CA ILE A 148 -11.91 5.06 -9.87
C ILE A 148 -11.68 6.08 -10.98
N ASN A 149 -11.02 5.64 -12.04
CA ASN A 149 -10.74 6.52 -13.17
C ASN A 149 -11.98 6.62 -14.07
N THR A 150 -12.53 7.83 -14.15
CA THR A 150 -13.73 8.06 -14.97
C THR A 150 -13.36 8.26 -16.44
N GLY A 151 -12.09 8.54 -16.71
CA GLY A 151 -11.66 8.74 -18.08
C GLY A 151 -11.60 10.19 -18.51
N SER A 152 -12.14 11.09 -17.68
CA SER A 152 -12.12 12.52 -18.00
C SER A 152 -11.49 13.32 -16.87
N SER A 153 -10.94 14.48 -17.21
CA SER A 153 -10.32 15.34 -16.21
C SER A 153 -11.36 15.86 -15.24
N LYS A 154 -12.54 16.19 -15.76
CA LYS A 154 -13.63 16.71 -14.94
C LYS A 154 -14.10 15.68 -13.91
N GLY A 155 -14.33 14.46 -14.36
CA GLY A 155 -14.78 13.40 -13.47
C GLY A 155 -13.73 13.03 -12.44
N ASN A 156 -12.48 12.96 -12.88
CA ASN A 156 -11.39 12.60 -11.97
C ASN A 156 -11.12 13.67 -10.92
N CYS A 157 -11.46 14.92 -11.24
CA CYS A 157 -11.28 16.03 -10.32
C CYS A 157 -12.14 15.75 -9.08
N ALA A 158 -13.34 15.24 -9.30
CA ALA A 158 -14.25 14.91 -8.22
C ALA A 158 -13.75 13.67 -7.47
N ILE A 159 -13.24 12.69 -8.22
CA ILE A 159 -12.69 11.49 -7.62
C ILE A 159 -11.49 11.84 -6.73
N LYS A 160 -10.61 12.69 -7.25
CA LYS A 160 -9.43 13.11 -6.51
C LYS A 160 -9.79 13.85 -5.22
N ALA A 161 -10.79 14.72 -5.30
CA ALA A 161 -11.25 15.48 -4.12
C ALA A 161 -11.70 14.48 -3.07
N LEU A 162 -12.45 13.46 -3.48
CA LEU A 162 -12.91 12.45 -2.55
C LEU A 162 -11.73 11.67 -1.97
N MET A 163 -10.71 11.41 -2.79
CA MET A 163 -9.54 10.67 -2.33
C MET A 163 -8.73 11.52 -1.33
N GLN A 164 -8.72 12.84 -1.56
CA GLN A 164 -8.03 13.74 -0.65
C GLN A 164 -8.73 13.76 0.71
N LEU A 165 -10.06 13.76 0.67
CA LEU A 165 -10.84 13.74 1.91
C LEU A 165 -10.67 12.41 2.63
N THR A 166 -10.68 11.32 1.86
CA THR A 166 -10.55 9.99 2.42
C THR A 166 -9.21 9.75 3.11
N THR A 167 -8.11 10.14 2.44
CA THR A 167 -6.80 9.95 3.04
C THR A 167 -6.63 10.85 4.26
N LYS A 168 -7.22 12.05 4.21
CA LYS A 168 -7.12 12.94 5.35
C LYS A 168 -7.85 12.33 6.56
N ALA A 169 -8.98 11.68 6.30
CA ALA A 169 -9.73 11.04 7.38
C ALA A 169 -8.87 10.03 8.12
N THR A 170 -8.10 9.24 7.39
CA THR A 170 -7.26 8.23 8.03
C THR A 170 -6.18 8.83 8.91
N THR A 171 -5.58 9.94 8.46
CA THR A 171 -4.52 10.55 9.25
C THR A 171 -5.06 11.25 10.49
N GLN A 172 -6.31 11.72 10.41
CA GLN A 172 -6.95 12.39 11.53
C GLN A 172 -7.36 11.46 12.66
N ILE A 173 -7.57 10.18 12.37
CA ILE A 173 -7.93 9.24 13.41
C ILE A 173 -6.74 8.38 13.81
N ALA A 174 -5.62 8.56 13.11
CA ALA A 174 -4.41 7.78 13.39
C ALA A 174 -3.83 8.13 14.76
N PRO A 175 -3.10 7.18 15.36
CA PRO A 175 -2.50 7.46 16.67
C PRO A 175 -1.52 8.62 16.53
N LYS A 176 -1.54 9.50 17.52
CA LYS A 176 -0.67 10.69 17.49
C LYS A 176 0.69 10.34 18.09
N GLN A 177 1.76 10.59 17.34
CA GLN A 177 3.11 10.35 17.82
C GLN A 177 4.14 10.90 16.85
N VAL A 178 5.35 11.09 17.36
CA VAL A 178 6.48 11.57 16.57
C VAL A 178 7.64 10.67 16.97
N ALA A 179 8.17 9.92 16.01
CA ALA A 179 9.26 8.99 16.27
C ALA A 179 8.90 8.02 17.39
N GLY A 180 7.63 7.60 17.44
CA GLY A 180 7.18 6.65 18.45
C GLY A 180 6.83 7.19 19.83
N THR A 181 7.06 8.47 20.05
CA THR A 181 6.75 9.07 21.34
C THR A 181 5.42 9.79 21.24
N GLY A 182 4.61 9.60 22.24
CA GLY A 182 3.31 10.19 22.28
C GLY A 182 3.41 11.71 22.14
N VAL A 183 2.45 12.21 21.38
CA VAL A 183 2.36 13.61 21.18
C VAL A 183 0.95 14.13 21.39
N GLN A 184 0.99 15.43 21.66
CA GLN A 184 -0.15 16.32 21.76
C GLN A 184 -1.40 15.73 21.07
N ALA B 4 6.76 -9.20 -16.03
CA ALA B 4 7.03 -8.80 -14.67
C ALA B 4 7.50 -9.98 -13.86
N SER B 5 8.62 -10.53 -14.21
CA SER B 5 9.01 -11.66 -13.46
C SER B 5 9.25 -11.41 -11.97
N ILE B 6 9.40 -10.15 -11.51
CA ILE B 6 9.80 -10.00 -10.07
C ILE B 6 8.83 -10.54 -9.04
N GLN B 7 7.64 -10.11 -9.26
CA GLN B 7 6.45 -10.37 -8.47
C GLN B 7 6.18 -11.88 -8.39
N THR B 8 6.36 -12.57 -9.51
CA THR B 8 6.13 -14.01 -9.53
C THR B 8 7.13 -14.69 -8.62
N THR B 9 8.39 -14.26 -8.70
CA THR B 9 9.44 -14.83 -7.88
C THR B 9 9.28 -14.46 -6.41
N VAL B 10 8.87 -13.22 -6.14
CA VAL B 10 8.69 -12.79 -4.76
C VAL B 10 7.53 -13.53 -4.10
N ASN B 11 6.50 -13.86 -4.89
CA ASN B 11 5.36 -14.57 -4.36
C ASN B 11 5.76 -16.03 -4.11
N THR B 12 6.62 -16.55 -4.98
CA THR B 12 7.09 -17.92 -4.84
C THR B 12 7.96 -17.98 -3.60
N LEU B 13 8.81 -16.98 -3.42
CA LEU B 13 9.68 -16.92 -2.27
C LEU B 13 8.86 -16.80 -0.99
N SER B 14 7.87 -15.90 -1.03
CA SER B 14 6.99 -15.67 0.12
C SER B 14 6.29 -16.95 0.55
N GLU B 15 5.76 -17.69 -0.41
CA GLU B 15 5.07 -18.92 -0.10
C GLU B 15 6.01 -20.00 0.39
N ARG B 16 7.25 -20.05 -0.14
CA ARG B 16 8.27 -21.05 0.25
C ARG B 16 8.77 -20.72 1.66
N ILE B 17 8.82 -19.40 2.04
CA ILE B 17 9.24 -19.01 3.38
C ILE B 17 8.17 -19.44 4.39
N SER B 18 6.91 -19.17 4.08
CA SER B 18 5.82 -19.53 4.98
C SER B 18 5.79 -21.04 5.20
N SER B 19 5.89 -21.79 4.11
CA SER B 19 5.87 -23.25 4.17
C SER B 19 7.03 -23.80 4.99
N LYS B 20 8.23 -23.25 4.79
CA LYS B 20 9.39 -23.70 5.54
C LYS B 20 9.26 -23.39 7.03
N LEU B 21 8.72 -22.22 7.35
CA LEU B 21 8.54 -21.87 8.76
C LEU B 21 7.59 -22.86 9.42
N GLU B 22 6.53 -23.23 8.71
CA GLU B 22 5.57 -24.18 9.26
C GLU B 22 6.17 -25.58 9.37
N GLN B 23 6.81 -26.04 8.31
CA GLN B 23 7.38 -27.39 8.27
C GLN B 23 8.68 -27.59 9.03
N GLU B 24 9.48 -26.53 9.15
CA GLU B 24 10.77 -26.64 9.81
C GLU B 24 10.92 -25.89 11.14
N ALA B 25 10.08 -24.90 11.38
CA ALA B 25 10.16 -24.13 12.63
C ALA B 25 8.90 -24.25 13.47
N ASN B 26 7.99 -25.12 13.05
CA ASN B 26 6.74 -25.31 13.78
C ASN B 26 5.99 -24.00 13.96
N ALA B 27 5.95 -23.20 12.89
CA ALA B 27 5.25 -21.92 12.95
C ALA B 27 3.80 -22.09 12.47
N SER B 28 2.94 -21.18 12.90
CA SER B 28 1.54 -21.21 12.48
C SER B 28 0.88 -19.86 12.74
N ALA B 29 -0.21 -19.61 12.02
CA ALA B 29 -0.98 -18.39 12.16
C ALA B 29 -1.59 -18.28 13.55
N GLN B 30 -1.80 -19.42 14.18
CA GLN B 30 -2.41 -19.46 15.52
C GLN B 30 -1.42 -19.29 16.67
N THR B 31 -0.14 -19.40 16.38
CA THR B 31 0.89 -19.28 17.41
C THR B 31 1.10 -17.85 17.89
N LYS B 32 1.19 -17.65 19.22
CA LYS B 32 1.33 -16.30 19.78
C LYS B 32 2.76 -15.81 19.64
N CYS B 33 2.90 -14.58 19.11
CA CYS B 33 4.17 -13.98 18.73
C CYS B 33 4.88 -13.28 19.88
N ASP B 34 6.17 -13.51 19.99
CA ASP B 34 6.97 -12.87 21.03
C ASP B 34 7.17 -11.44 20.56
N ILE B 35 7.44 -11.29 19.27
CA ILE B 35 7.63 -9.98 18.66
C ILE B 35 6.52 -9.74 17.66
N GLU B 36 5.96 -8.54 17.67
CA GLU B 36 4.90 -8.19 16.74
C GLU B 36 5.35 -6.98 15.94
N ILE B 37 4.76 -6.80 14.77
CA ILE B 37 5.09 -5.69 13.89
C ILE B 37 4.17 -4.50 14.17
N GLY B 38 4.77 -3.39 14.61
CA GLY B 38 3.99 -2.20 14.91
C GLY B 38 3.71 -1.39 13.66
N ASN B 39 4.72 -1.26 12.80
CA ASN B 39 4.58 -0.50 11.58
C ASN B 39 5.38 -1.19 10.48
N PHE B 40 4.84 -1.13 9.27
CA PHE B 40 5.50 -1.70 8.09
C PHE B 40 5.19 -0.74 6.95
N TYR B 41 6.20 0.00 6.52
CA TYR B 41 5.98 0.93 5.44
C TYR B 41 7.25 1.24 4.67
N ILE B 42 7.05 1.87 3.53
CA ILE B 42 8.11 2.29 2.64
C ILE B 42 8.15 3.82 2.68
N ARG B 43 9.36 4.35 2.88
CA ARG B 43 9.48 5.80 2.96
C ARG B 43 9.10 6.49 1.65
N GLN B 44 9.68 6.01 0.55
CA GLN B 44 9.35 6.54 -0.77
C GLN B 44 8.60 5.42 -1.46
N ASN B 45 7.30 5.36 -1.20
CA ASN B 45 6.44 4.33 -1.75
C ASN B 45 5.83 4.80 -3.05
N HIS B 46 6.34 4.28 -4.16
CA HIS B 46 5.84 4.64 -5.46
C HIS B 46 5.16 3.44 -6.14
N GLY B 47 4.03 3.02 -5.59
CA GLY B 47 3.30 1.92 -6.19
C GLY B 47 3.45 0.56 -5.54
N CYS B 48 3.64 0.52 -4.23
CA CYS B 48 3.79 -0.74 -3.53
C CYS B 48 2.71 -0.94 -2.47
N ASN B 49 2.10 -2.12 -2.46
CA ASN B 49 1.07 -2.44 -1.48
C ASN B 49 1.63 -3.47 -0.51
N LEU B 50 1.47 -3.16 0.77
CA LEU B 50 2.04 -3.96 1.84
C LEU B 50 1.10 -4.68 2.77
N THR B 51 1.49 -5.86 3.18
CA THR B 51 0.71 -6.65 4.13
C THR B 51 1.70 -7.34 5.06
N VAL B 52 1.20 -7.74 6.22
CA VAL B 52 1.99 -8.45 7.21
C VAL B 52 1.26 -9.75 7.48
N LYS B 53 2.03 -10.82 7.57
CA LYS B 53 1.47 -12.15 7.85
C LYS B 53 2.23 -12.72 9.03
N ASN B 54 1.52 -12.99 10.12
CA ASN B 54 2.16 -13.55 11.30
C ASN B 54 2.27 -15.06 11.18
N MET B 55 3.51 -15.55 11.24
CA MET B 55 3.89 -16.96 11.19
C MET B 55 4.95 -17.13 12.28
N CYS B 56 4.47 -16.99 13.50
CA CYS B 56 5.37 -17.10 14.62
C CYS B 56 5.64 -18.49 15.17
N SER B 57 6.75 -18.61 15.89
CA SER B 57 7.18 -19.86 16.51
C SER B 57 8.16 -19.54 17.64
N ALA B 58 8.50 -20.55 18.43
CA ALA B 58 9.38 -20.36 19.58
C ALA B 58 10.90 -20.41 19.36
N ASP B 59 11.36 -21.14 18.36
CA ASP B 59 12.80 -21.27 18.13
C ASP B 59 13.36 -20.36 17.04
N ALA B 60 14.07 -19.31 17.46
CA ALA B 60 14.64 -18.34 16.52
C ALA B 60 15.67 -18.94 15.57
N ASP B 61 16.47 -19.87 16.06
CA ASP B 61 17.48 -20.49 15.21
C ASP B 61 16.84 -21.32 14.10
N ALA B 62 15.78 -22.04 14.45
CA ALA B 62 15.08 -22.83 13.44
C ALA B 62 14.44 -21.90 12.43
N GLN B 63 14.02 -20.72 12.88
CA GLN B 63 13.42 -19.75 11.99
C GLN B 63 14.41 -19.28 10.96
N LEU B 64 15.62 -18.91 11.42
CA LEU B 64 16.65 -18.43 10.53
C LEU B 64 16.98 -19.50 9.48
N ASP B 65 17.14 -20.75 9.93
CA ASP B 65 17.44 -21.86 9.02
C ASP B 65 16.36 -22.02 7.98
N ALA B 66 15.12 -21.90 8.41
CA ALA B 66 14.00 -22.07 7.51
C ALA B 66 13.97 -20.98 6.44
N VAL B 67 14.22 -19.74 6.83
CA VAL B 67 14.19 -18.66 5.87
C VAL B 67 15.32 -18.82 4.86
N LEU B 68 16.50 -19.18 5.33
CA LEU B 68 17.64 -19.38 4.43
C LEU B 68 17.37 -20.56 3.50
N SER B 69 16.72 -21.61 4.02
CA SER B 69 16.38 -22.77 3.22
C SER B 69 15.44 -22.35 2.09
N ALA B 70 14.44 -21.55 2.42
CA ALA B 70 13.49 -21.09 1.40
C ALA B 70 14.18 -20.24 0.34
N ALA B 71 15.12 -19.41 0.76
CA ALA B 71 15.83 -18.56 -0.18
C ALA B 71 16.69 -19.39 -1.13
N THR B 72 17.43 -20.34 -0.57
CA THR B 72 18.30 -21.20 -1.37
C THR B 72 17.53 -22.06 -2.38
N GLU B 73 16.42 -22.64 -1.94
CA GLU B 73 15.63 -23.47 -2.84
C GLU B 73 15.00 -22.61 -3.93
N THR B 74 14.60 -21.40 -3.57
CA THR B 74 13.99 -20.51 -4.55
C THR B 74 15.02 -20.12 -5.61
N TYR B 75 16.23 -19.83 -5.17
CA TYR B 75 17.29 -19.47 -6.11
C TYR B 75 17.57 -20.65 -7.05
N SER B 76 17.69 -21.84 -6.46
CA SER B 76 17.96 -23.05 -7.24
C SER B 76 16.89 -23.29 -8.29
N GLY B 77 15.64 -22.95 -7.96
CA GLY B 77 14.53 -23.14 -8.87
C GLY B 77 14.46 -22.15 -10.02
N LEU B 78 15.31 -21.14 -9.98
CA LEU B 78 15.34 -20.12 -11.03
C LEU B 78 16.05 -20.68 -12.24
N THR B 79 16.01 -19.93 -13.34
CA THR B 79 16.67 -20.33 -14.57
C THR B 79 18.01 -19.57 -14.67
N PRO B 80 18.93 -20.06 -15.51
CA PRO B 80 20.22 -19.38 -15.65
C PRO B 80 20.05 -17.88 -15.88
N GLU B 81 19.13 -17.59 -16.79
CA GLU B 81 18.81 -16.25 -17.13
C GLU B 81 18.48 -15.50 -15.84
N GLN B 82 17.46 -15.98 -15.12
CA GLN B 82 16.94 -15.35 -13.91
C GLN B 82 18.03 -15.18 -12.85
N LYS B 83 18.95 -16.15 -12.70
CA LYS B 83 20.10 -16.12 -11.73
C LYS B 83 21.19 -15.02 -11.93
N ALA B 84 21.25 -14.31 -13.10
CA ALA B 84 22.25 -13.26 -13.34
C ALA B 84 21.81 -11.85 -12.88
N TYR B 85 20.51 -11.72 -12.78
CA TYR B 85 19.94 -10.46 -12.36
C TYR B 85 20.15 -10.31 -10.84
N VAL B 86 20.15 -11.47 -10.20
CA VAL B 86 20.25 -11.65 -8.76
C VAL B 86 21.48 -11.01 -8.18
N PRO B 87 22.58 -11.40 -8.77
CA PRO B 87 23.89 -10.80 -8.38
C PRO B 87 23.81 -9.31 -8.40
N ALA B 88 23.44 -8.81 -9.58
CA ALA B 88 23.25 -7.37 -9.71
C ALA B 88 22.35 -6.87 -8.60
N MET B 89 21.30 -7.63 -8.31
CA MET B 89 20.35 -7.28 -7.26
C MET B 89 21.02 -7.26 -5.88
N PHE B 90 21.82 -8.30 -5.62
CA PHE B 90 22.51 -8.43 -4.35
C PHE B 90 23.38 -7.21 -4.05
N THR B 91 24.24 -6.86 -5.00
CA THR B 91 25.13 -5.73 -4.84
C THR B 91 24.40 -4.41 -4.69
N ALA B 92 23.34 -4.23 -5.46
CA ALA B 92 22.55 -3.00 -5.41
C ALA B 92 21.83 -2.80 -4.09
N ALA B 93 21.55 -3.88 -3.38
CA ALA B 93 20.82 -3.79 -2.11
C ALA B 93 21.66 -3.85 -0.84
N LEU B 94 22.72 -4.73 -0.80
CA LEU B 94 23.56 -4.96 0.41
C LEU B 94 25.00 -4.36 0.52
N ASN B 95 25.35 -3.64 -0.59
CA ASN B 95 26.61 -2.96 -0.81
C ASN B 95 27.72 -3.98 -0.76
N ILE B 96 27.58 -5.04 -1.51
CA ILE B 96 28.66 -6.07 -1.47
C ILE B 96 28.68 -6.78 -2.83
N GLN B 97 29.88 -7.05 -3.29
CA GLN B 97 30.09 -7.74 -4.53
C GLN B 97 29.72 -9.20 -4.39
N THR B 98 29.30 -9.74 -5.50
CA THR B 98 28.94 -11.09 -5.59
C THR B 98 28.83 -11.38 -7.08
N SER B 99 28.75 -12.67 -7.42
CA SER B 99 28.61 -13.15 -8.80
C SER B 99 27.82 -14.46 -8.75
N VAL B 100 27.32 -15.00 -9.86
CA VAL B 100 26.58 -16.25 -9.69
C VAL B 100 27.51 -17.30 -9.06
N ASN B 101 27.01 -18.53 -8.91
CA ASN B 101 27.65 -19.71 -8.30
C ASN B 101 28.18 -19.43 -6.86
N THR B 102 28.11 -18.16 -6.41
CA THR B 102 28.52 -17.74 -5.07
C THR B 102 27.49 -16.86 -4.32
N VAL B 103 26.54 -16.23 -5.00
CA VAL B 103 25.57 -15.33 -4.30
C VAL B 103 24.81 -15.97 -3.16
N VAL B 104 24.55 -17.28 -3.26
CA VAL B 104 23.88 -17.95 -2.15
C VAL B 104 24.79 -17.99 -0.94
N ARG B 105 26.02 -18.42 -1.15
CA ARG B 105 27.01 -18.48 -0.08
C ARG B 105 27.19 -17.08 0.50
N ASP B 106 27.29 -16.08 -0.36
CA ASP B 106 27.48 -14.72 0.08
C ASP B 106 26.27 -14.17 0.84
N PHE B 107 25.07 -14.53 0.42
CA PHE B 107 23.87 -14.06 1.09
C PHE B 107 23.74 -14.74 2.45
N GLU B 108 24.08 -16.03 2.50
CA GLU B 108 23.98 -16.75 3.76
C GLU B 108 24.98 -16.19 4.77
N ASN B 109 26.16 -15.80 4.30
CA ASN B 109 27.16 -15.23 5.22
C ASN B 109 26.69 -13.89 5.75
N TYR B 110 26.10 -13.07 4.88
CA TYR B 110 25.61 -11.77 5.31
C TYR B 110 24.51 -11.95 6.36
N VAL B 111 23.56 -12.83 6.07
CA VAL B 111 22.45 -13.06 6.99
C VAL B 111 22.90 -13.67 8.32
N LYS B 112 23.77 -14.66 8.26
CA LYS B 112 24.24 -15.27 9.51
C LYS B 112 25.01 -14.27 10.38
N GLN B 113 25.88 -13.49 9.76
CA GLN B 113 26.67 -12.51 10.49
C GLN B 113 25.80 -11.37 11.03
N THR B 114 24.91 -10.85 10.20
CA THR B 114 24.05 -9.75 10.59
C THR B 114 22.97 -10.15 11.59
N CYS B 115 22.25 -11.22 11.29
CA CYS B 115 21.17 -11.63 12.14
C CYS B 115 21.55 -12.33 13.45
N ASN B 116 22.82 -12.70 13.59
CA ASN B 116 23.28 -13.34 14.83
C ASN B 116 24.01 -12.32 15.70
N SER B 117 24.14 -11.09 15.20
CA SER B 117 24.83 -10.03 15.94
C SER B 117 24.04 -9.65 17.19
N SER B 118 24.75 -9.13 18.19
CA SER B 118 24.13 -8.72 19.45
C SER B 118 23.05 -7.66 19.26
N ALA B 119 23.30 -6.72 18.35
CA ALA B 119 22.33 -5.65 18.09
C ALA B 119 20.96 -6.23 17.73
N VAL B 120 20.96 -7.31 16.97
CA VAL B 120 19.71 -7.94 16.55
C VAL B 120 19.16 -8.88 17.62
N VAL B 121 19.96 -9.87 18.03
CA VAL B 121 19.52 -10.84 19.01
C VAL B 121 19.17 -10.28 20.39
N ASP B 122 19.86 -9.24 20.84
CA ASP B 122 19.58 -8.68 22.15
C ASP B 122 18.53 -7.56 22.14
N ASN B 123 17.90 -7.35 20.98
CA ASN B 123 16.88 -6.30 20.89
C ASN B 123 15.79 -6.65 21.92
N LYS B 124 15.50 -5.69 22.80
CA LYS B 124 14.52 -5.90 23.86
C LYS B 124 13.09 -5.48 23.51
N LEU B 125 12.89 -4.89 22.33
CA LEU B 125 11.57 -4.43 21.93
C LEU B 125 10.63 -5.54 21.46
N LYS B 126 9.42 -5.59 22.02
CA LYS B 126 8.44 -6.60 21.65
C LYS B 126 7.54 -6.16 20.49
N ILE B 127 7.55 -4.87 20.17
CA ILE B 127 6.80 -4.35 19.04
C ILE B 127 7.87 -3.63 18.23
N GLN B 128 8.12 -4.14 17.03
CA GLN B 128 9.16 -3.58 16.17
C GLN B 128 8.62 -3.07 14.85
N ASN B 129 9.37 -2.14 14.26
CA ASN B 129 9.00 -1.53 13.00
C ASN B 129 9.85 -2.06 11.86
N VAL B 130 9.23 -2.21 10.69
CA VAL B 130 9.93 -2.66 9.50
C VAL B 130 9.80 -1.52 8.49
N ILE B 131 10.93 -0.95 8.11
CA ILE B 131 10.91 0.16 7.16
C ILE B 131 11.86 -0.16 6.00
N ILE B 132 11.40 0.15 4.79
CA ILE B 132 12.19 -0.03 3.59
C ILE B 132 12.26 1.38 3.00
N ASP B 133 13.42 1.79 2.51
CA ASP B 133 13.52 3.15 1.99
C ASP B 133 12.78 3.46 0.69
N GLU B 134 12.87 2.55 -0.28
CA GLU B 134 12.24 2.79 -1.58
C GLU B 134 11.61 1.55 -2.17
N CYS B 135 10.55 1.75 -2.95
CA CYS B 135 9.87 0.65 -3.61
C CYS B 135 9.07 1.25 -4.77
N TYR B 136 9.11 0.52 -5.86
CA TYR B 136 8.44 0.95 -7.07
C TYR B 136 7.45 -0.08 -7.56
N GLY B 137 6.38 0.49 -8.06
CA GLY B 137 5.29 -0.22 -8.67
C GLY B 137 4.85 0.53 -9.94
N ALA B 138 4.99 -0.07 -11.14
CA ALA B 138 4.63 0.49 -12.43
C ALA B 138 3.14 0.71 -12.44
N PRO B 139 2.61 1.64 -13.23
CA PRO B 139 1.17 1.91 -13.22
C PRO B 139 0.23 0.74 -13.51
N GLY B 140 -0.81 0.68 -12.68
CA GLY B 140 -1.87 -0.34 -12.87
C GLY B 140 -1.51 -1.75 -12.39
N SER B 141 -0.32 -1.92 -11.83
CA SER B 141 0.15 -3.20 -11.32
C SER B 141 1.04 -2.99 -10.09
N PRO B 142 0.46 -2.63 -8.96
CA PRO B 142 1.25 -2.37 -7.75
C PRO B 142 2.12 -3.55 -7.36
N THR B 143 3.28 -3.26 -6.78
CA THR B 143 4.18 -4.30 -6.32
C THR B 143 3.64 -4.75 -4.97
N ASN B 144 3.37 -6.04 -4.81
CA ASN B 144 2.86 -6.56 -3.55
C ASN B 144 3.98 -7.11 -2.68
N LEU B 145 4.10 -6.56 -1.48
CA LEU B 145 5.12 -6.99 -0.53
C LEU B 145 4.45 -7.52 0.72
N GLU B 146 4.79 -8.75 1.10
CA GLU B 146 4.24 -9.34 2.30
C GLU B 146 5.37 -9.61 3.28
N PHE B 147 5.32 -8.98 4.44
CA PHE B 147 6.34 -9.21 5.45
C PHE B 147 5.84 -10.34 6.33
N ILE B 148 6.59 -11.44 6.37
CA ILE B 148 6.21 -12.57 7.19
C ILE B 148 6.91 -12.40 8.55
N ASN B 149 6.12 -12.14 9.59
CA ASN B 149 6.67 -11.99 10.91
C ASN B 149 6.94 -13.36 11.52
N THR B 150 8.21 -13.63 11.81
CA THR B 150 8.62 -14.90 12.40
C THR B 150 8.45 -14.91 13.91
N GLY B 151 8.28 -13.74 14.50
CA GLY B 151 8.14 -13.68 15.94
C GLY B 151 9.44 -13.45 16.71
N SER B 152 10.57 -13.38 16.01
CA SER B 152 11.85 -13.11 16.65
C SER B 152 12.65 -12.07 15.86
N SER B 153 13.54 -11.37 16.55
CA SER B 153 14.37 -10.36 15.91
C SER B 153 15.28 -11.02 14.89
N LYS B 154 15.85 -12.17 15.27
CA LYS B 154 16.74 -12.91 14.40
C LYS B 154 16.04 -13.36 13.12
N GLY B 155 14.88 -13.98 13.28
CA GLY B 155 14.15 -14.43 12.10
C GLY B 155 13.71 -13.28 11.22
N ASN B 156 13.22 -12.21 11.84
CA ASN B 156 12.76 -11.06 11.09
C ASN B 156 13.89 -10.34 10.37
N CYS B 157 15.09 -10.42 10.92
CA CYS B 157 16.27 -9.83 10.30
C CYS B 157 16.51 -10.52 8.95
N ALA B 158 16.30 -11.84 8.90
CA ALA B 158 16.49 -12.59 7.67
C ALA B 158 15.39 -12.24 6.66
N ILE B 159 14.16 -12.13 7.14
CA ILE B 159 13.04 -11.77 6.28
C ILE B 159 13.27 -10.39 5.67
N LYS B 160 13.72 -9.45 6.50
CA LYS B 160 13.97 -8.09 6.05
C LYS B 160 15.11 -8.02 5.03
N ALA B 161 16.16 -8.81 5.26
CA ALA B 161 17.29 -8.83 4.33
C ALA B 161 16.80 -9.28 2.96
N LEU B 162 15.95 -10.30 2.93
CA LEU B 162 15.42 -10.77 1.65
C LEU B 162 14.54 -9.72 0.99
N MET B 163 13.76 -9.00 1.79
CA MET B 163 12.88 -7.99 1.25
C MET B 163 13.65 -6.80 0.67
N GLN B 164 14.77 -6.47 1.30
CA GLN B 164 15.60 -5.37 0.81
C GLN B 164 16.13 -5.77 -0.56
N LEU B 165 16.50 -7.04 -0.67
CA LEU B 165 17.03 -7.58 -1.92
C LEU B 165 15.99 -7.48 -3.03
N THR B 166 14.82 -8.08 -2.81
CA THR B 166 13.77 -8.08 -3.82
C THR B 166 13.13 -6.72 -4.12
N THR B 167 13.10 -5.82 -3.13
CA THR B 167 12.51 -4.49 -3.38
C THR B 167 13.46 -3.62 -4.19
N LYS B 168 14.76 -3.80 -4.07
CA LYS B 168 15.66 -2.98 -4.87
C LYS B 168 15.50 -3.35 -6.35
N ALA B 169 14.94 -4.55 -6.64
CA ALA B 169 14.68 -5.03 -7.99
C ALA B 169 13.71 -4.06 -8.71
N THR B 170 12.74 -3.54 -7.94
CA THR B 170 11.68 -2.70 -8.51
C THR B 170 12.20 -1.33 -8.90
N THR B 171 13.28 -0.90 -8.25
CA THR B 171 13.87 0.41 -8.51
C THR B 171 15.02 0.31 -9.50
#